data_1GIC
#
_entry.id   1GIC
#
_cell.length_a   167.800
_cell.length_b   167.800
_cell.length_c   167.800
_cell.angle_alpha   90.00
_cell.angle_beta   90.00
_cell.angle_gamma   90.00
#
_symmetry.space_group_name_H-M   'I 21 3'
#
loop_
_entity.id
_entity.type
_entity.pdbx_description
1 polymer 'CONCANAVALIN A'
2 non-polymer 'methyl alpha-D-glucopyranoside'
3 non-polymer 'MANGANESE (II) ION'
4 non-polymer 'CALCIUM ION'
5 water water
#
_entity_poly.entity_id   1
_entity_poly.type   'polypeptide(L)'
_entity_poly.pdbx_seq_one_letter_code
;ADTIVAVELDTYPNTDIGDPSYPHIGIDIKSVRSKKTAKWNMQNGKVGTAHIIYNSVDKRLSAVVSYPNADSATVSYDVD
LDNVLPEWVRVGLSASTGLYKETNTILSWSFTSKLKSNSTHETNALHFMFNQFSKDQKDLILQGDATTGTDGNLELTRVS
SNGSPQGSSVGRALFYAPVHIWESSAVVASFEATFTFLIKSPDSHPADGIAFFISNIDSSIPSGSTGRLLGLFPDAN
;
_entity_poly.pdbx_strand_id   A,B
#
# COMPACT_ATOMS: atom_id res chain seq x y z
N ALA A 1 6.87 -11.78 20.04
CA ALA A 1 5.71 -11.67 19.18
C ALA A 1 4.55 -11.53 20.20
N ASP A 2 3.68 -10.53 20.15
CA ASP A 2 3.76 -9.50 19.15
C ASP A 2 4.73 -8.44 19.66
N THR A 3 5.37 -7.67 18.77
CA THR A 3 6.31 -6.65 19.23
C THR A 3 5.54 -5.38 18.90
N ILE A 4 5.28 -4.52 19.88
CA ILE A 4 4.54 -3.33 19.61
C ILE A 4 5.23 -2.06 19.99
N VAL A 5 5.18 -1.05 19.13
CA VAL A 5 5.73 0.26 19.40
C VAL A 5 4.42 1.05 19.25
N ALA A 6 3.99 1.89 20.18
CA ALA A 6 2.75 2.60 20.03
C ALA A 6 2.78 3.98 20.60
N VAL A 7 1.93 4.88 20.10
CA VAL A 7 1.81 6.22 20.60
C VAL A 7 0.38 6.18 21.11
N GLU A 8 0.20 6.23 22.40
CA GLU A 8 -1.14 6.18 22.96
C GLU A 8 -1.65 7.55 23.35
N LEU A 9 -2.97 7.69 23.22
CA LEU A 9 -3.74 8.87 23.56
C LEU A 9 -4.61 8.21 24.62
N ASP A 10 -4.12 8.19 25.85
CA ASP A 10 -4.78 7.57 26.97
C ASP A 10 -5.70 8.51 27.71
N THR A 11 -7.00 8.23 27.71
CA THR A 11 -7.96 9.08 28.38
C THR A 11 -8.33 8.65 29.81
N TYR A 12 -7.99 7.45 30.26
CA TYR A 12 -8.36 7.02 31.59
C TYR A 12 -7.12 6.66 32.40
N PRO A 13 -6.83 7.32 33.52
CA PRO A 13 -5.68 6.98 34.37
C PRO A 13 -5.87 5.72 35.20
N ASN A 14 -4.98 4.77 34.95
CA ASN A 14 -4.92 3.49 35.62
C ASN A 14 -3.59 3.61 36.35
N THR A 15 -3.61 4.33 37.47
CA THR A 15 -2.46 4.60 38.31
C THR A 15 -1.79 3.35 38.83
N ASP A 16 -2.52 2.25 38.89
CA ASP A 16 -1.94 0.99 39.33
C ASP A 16 -1.03 0.39 38.29
N ILE A 17 -1.14 0.71 36.99
CA ILE A 17 -0.23 0.16 35.99
C ILE A 17 0.73 1.23 35.47
N GLY A 18 0.97 2.23 36.28
CA GLY A 18 1.88 3.29 35.94
C GLY A 18 1.34 4.53 35.25
N ASP A 19 0.04 4.74 35.00
CA ASP A 19 -0.39 5.96 34.33
C ASP A 19 -0.25 7.11 35.26
N PRO A 20 0.09 8.30 34.77
CA PRO A 20 -0.14 9.53 35.51
C PRO A 20 -1.61 9.66 35.86
N SER A 21 -1.99 10.46 36.85
CA SER A 21 -3.40 10.57 37.18
C SER A 21 -4.17 11.56 36.31
N TYR A 22 -3.80 11.77 35.07
CA TYR A 22 -4.51 12.72 34.21
C TYR A 22 -4.54 12.07 32.84
N PRO A 23 -5.43 12.37 31.87
CA PRO A 23 -5.28 11.96 30.47
C PRO A 23 -3.89 12.39 29.98
N HIS A 24 -3.27 11.51 29.21
CA HIS A 24 -1.94 11.74 28.72
C HIS A 24 -1.71 11.07 27.39
N ILE A 25 -0.57 11.42 26.80
CA ILE A 25 -0.16 10.82 25.56
C ILE A 25 1.14 10.15 25.98
N GLY A 26 1.48 8.99 25.45
CA GLY A 26 2.69 8.34 25.86
C GLY A 26 3.29 7.52 24.73
N ILE A 27 4.59 7.17 24.85
CA ILE A 27 5.33 6.37 23.86
C ILE A 27 5.46 5.03 24.58
N ASP A 28 4.94 3.93 24.01
CA ASP A 28 4.95 2.60 24.57
C ASP A 28 5.90 1.74 23.74
N ILE A 29 6.99 1.24 24.29
CA ILE A 29 7.94 0.41 23.55
C ILE A 29 7.80 -0.94 24.21
N LYS A 30 7.03 -1.82 23.59
CA LYS A 30 6.76 -3.18 24.01
C LYS A 30 6.10 -3.38 25.38
N SER A 31 5.47 -2.36 25.97
CA SER A 31 4.81 -2.44 27.26
C SER A 31 3.83 -1.31 27.39
N VAL A 32 2.69 -1.48 28.07
CA VAL A 32 1.69 -0.41 28.26
C VAL A 32 2.26 0.65 29.17
N ARG A 33 3.31 0.33 29.94
CA ARG A 33 3.87 1.31 30.84
C ARG A 33 4.79 2.14 29.98
N SER A 34 4.24 3.26 29.55
CA SER A 34 4.91 4.21 28.71
C SER A 34 6.28 4.60 29.21
N LYS A 35 7.19 4.73 28.24
CA LYS A 35 8.55 5.11 28.50
C LYS A 35 8.59 6.61 28.74
N LYS A 36 7.63 7.36 28.23
CA LYS A 36 7.62 8.80 28.42
C LYS A 36 6.19 9.29 28.31
N THR A 37 5.69 10.22 29.11
CA THR A 37 4.31 10.64 28.93
C THR A 37 4.28 12.16 28.92
N ALA A 38 3.18 12.79 28.57
CA ALA A 38 3.02 14.23 28.58
C ALA A 38 1.53 14.40 28.88
N LYS A 39 1.18 15.39 29.67
CA LYS A 39 -0.21 15.68 30.01
C LYS A 39 -0.95 16.13 28.75
N TRP A 40 -2.18 15.63 28.59
CA TRP A 40 -3.02 15.95 27.44
C TRP A 40 -4.34 16.54 27.88
N ASN A 41 -4.73 17.73 27.49
CA ASN A 41 -6.02 18.25 27.90
C ASN A 41 -7.02 17.84 26.84
N MET A 42 -7.49 16.60 26.99
CA MET A 42 -8.46 16.00 26.09
C MET A 42 -9.74 16.82 26.14
N GLN A 43 -10.23 17.15 24.95
CA GLN A 43 -11.44 17.94 24.82
C GLN A 43 -12.52 17.05 24.30
N ASN A 44 -13.39 16.69 25.23
CA ASN A 44 -14.50 15.84 24.94
C ASN A 44 -15.41 16.38 23.86
N GLY A 45 -15.60 15.56 22.83
CA GLY A 45 -16.45 15.90 21.72
C GLY A 45 -15.78 16.76 20.69
N LYS A 46 -14.51 17.15 20.76
CA LYS A 46 -13.92 17.99 19.71
C LYS A 46 -13.02 17.08 18.89
N VAL A 47 -12.80 17.45 17.62
CA VAL A 47 -11.94 16.68 16.71
C VAL A 47 -10.49 17.10 16.91
N GLY A 48 -9.59 16.20 17.22
CA GLY A 48 -8.21 16.58 17.40
C GLY A 48 -7.31 15.91 16.36
N THR A 49 -6.07 16.32 16.25
CA THR A 49 -5.10 15.78 15.32
C THR A 49 -3.88 15.28 16.05
N ALA A 50 -3.34 14.14 15.61
CA ALA A 50 -2.14 13.54 16.17
C ALA A 50 -1.16 13.45 14.99
N HIS A 51 0.10 13.85 15.17
CA HIS A 51 1.13 13.81 14.14
C HIS A 51 2.24 13.00 14.82
N ILE A 52 2.79 11.92 14.24
CA ILE A 52 3.84 11.04 14.76
C ILE A 52 4.95 11.07 13.72
N ILE A 53 6.20 11.27 14.14
CA ILE A 53 7.36 11.33 13.23
C ILE A 53 8.56 10.58 13.77
N TYR A 54 9.38 10.07 12.86
CA TYR A 54 10.54 9.32 13.26
C TYR A 54 11.50 9.28 12.11
N ASN A 55 12.80 9.35 12.37
CA ASN A 55 13.75 9.21 11.29
C ASN A 55 14.95 8.54 11.95
N SER A 56 15.57 7.62 11.22
CA SER A 56 16.70 6.89 11.70
C SER A 56 17.98 7.70 11.90
N VAL A 57 18.12 8.94 11.46
CA VAL A 57 19.35 9.67 11.71
C VAL A 57 19.29 10.13 13.15
N ASP A 58 18.16 10.67 13.61
CA ASP A 58 18.02 11.15 15.00
C ASP A 58 17.60 10.09 16.01
N LYS A 59 16.89 9.04 15.50
CA LYS A 59 16.37 7.92 16.26
C LYS A 59 15.59 8.48 17.45
N ARG A 60 14.67 9.35 17.12
CA ARG A 60 13.83 10.01 18.06
C ARG A 60 12.39 9.87 17.60
N LEU A 61 11.49 9.22 18.34
CA LEU A 61 10.09 9.05 17.96
C LEU A 61 9.37 10.20 18.68
N SER A 62 8.75 11.10 17.94
CA SER A 62 8.01 12.23 18.49
C SER A 62 6.52 12.25 18.12
N ALA A 63 5.64 12.75 18.96
CA ALA A 63 4.23 12.81 18.62
C ALA A 63 3.70 14.15 19.14
N VAL A 64 2.80 14.79 18.41
CA VAL A 64 2.17 16.06 18.75
C VAL A 64 0.66 15.78 18.64
N VAL A 65 -0.17 16.23 19.59
CA VAL A 65 -1.61 16.03 19.53
C VAL A 65 -2.18 17.41 19.81
N SER A 66 -2.97 17.97 18.91
CA SER A 66 -3.56 19.27 19.09
C SER A 66 -5.02 19.29 18.74
N TYR A 67 -5.63 20.40 19.12
CA TYR A 67 -7.03 20.68 18.89
C TYR A 67 -6.93 22.06 18.31
N PRO A 68 -7.80 22.46 17.40
CA PRO A 68 -7.86 23.83 16.88
C PRO A 68 -7.87 24.84 18.01
N ASN A 69 -6.85 25.69 17.86
CA ASN A 69 -6.48 26.79 18.75
C ASN A 69 -6.70 26.51 20.24
N ALA A 70 -5.84 25.59 20.65
CA ALA A 70 -5.71 25.08 21.99
C ALA A 70 -4.26 24.66 22.00
N ASP A 71 -3.61 24.56 23.17
CA ASP A 71 -2.22 24.16 23.23
C ASP A 71 -2.07 22.68 22.92
N SER A 72 -0.97 22.35 22.28
CA SER A 72 -0.70 21.00 21.94
C SER A 72 0.10 20.25 22.97
N ALA A 73 0.00 18.94 22.99
CA ALA A 73 0.76 18.13 23.93
C ALA A 73 1.87 17.52 23.04
N THR A 74 3.12 17.35 23.46
CA THR A 74 4.18 16.78 22.67
C THR A 74 4.88 15.79 23.55
N VAL A 75 5.36 14.67 23.00
CA VAL A 75 6.09 13.69 23.79
C VAL A 75 7.14 13.18 22.80
N SER A 76 8.38 12.94 23.23
CA SER A 76 9.47 12.45 22.37
C SER A 76 10.26 11.43 23.18
N TYR A 77 10.80 10.40 22.52
CA TYR A 77 11.56 9.41 23.22
C TYR A 77 12.67 8.94 22.30
N ASP A 78 13.89 8.77 22.76
CA ASP A 78 14.97 8.29 21.90
C ASP A 78 14.93 6.81 21.94
N VAL A 79 14.76 6.28 20.75
CA VAL A 79 14.70 4.86 20.53
C VAL A 79 15.19 4.50 19.13
N ASP A 80 15.98 3.43 19.02
CA ASP A 80 16.46 2.99 17.74
C ASP A 80 15.49 1.88 17.38
N LEU A 81 14.61 2.19 16.48
CA LEU A 81 13.61 1.24 16.06
C LEU A 81 14.17 0.05 15.36
N ASP A 82 15.38 0.11 14.84
CA ASP A 82 15.95 -1.04 14.17
C ASP A 82 16.24 -2.13 15.21
N ASN A 83 16.38 -1.78 16.48
CA ASN A 83 16.65 -2.79 17.49
C ASN A 83 15.39 -3.25 18.12
N VAL A 84 14.24 -2.71 17.78
CA VAL A 84 13.02 -3.16 18.44
C VAL A 84 12.09 -3.88 17.50
N LEU A 85 11.97 -3.34 16.29
CA LEU A 85 11.08 -3.89 15.33
C LEU A 85 11.69 -4.79 14.32
N PRO A 86 10.95 -5.76 13.76
CA PRO A 86 11.32 -6.42 12.52
C PRO A 86 11.37 -5.39 11.41
N GLU A 87 12.04 -5.83 10.39
CA GLU A 87 12.24 -5.08 9.18
C GLU A 87 10.92 -4.77 8.51
N TRP A 88 10.03 -5.77 8.47
CA TRP A 88 8.70 -5.69 7.89
C TRP A 88 7.74 -5.70 9.06
N VAL A 89 6.84 -4.74 8.95
CA VAL A 89 5.84 -4.45 9.96
C VAL A 89 4.49 -4.14 9.33
N ARG A 90 3.47 -3.89 10.14
CA ARG A 90 2.17 -3.50 9.67
C ARG A 90 1.93 -2.30 10.59
N VAL A 91 1.24 -1.26 10.12
CA VAL A 91 0.95 -0.09 10.92
C VAL A 91 -0.58 -0.06 11.08
N GLY A 92 -1.06 0.46 12.22
CA GLY A 92 -2.49 0.48 12.42
C GLY A 92 -2.90 1.41 13.53
N LEU A 93 -4.21 1.41 13.76
CA LEU A 93 -4.79 2.24 14.79
C LEU A 93 -5.51 1.29 15.74
N SER A 94 -5.44 1.46 17.06
CA SER A 94 -6.12 0.60 18.00
C SER A 94 -6.90 1.39 19.01
N ALA A 95 -7.97 0.85 19.61
CA ALA A 95 -8.73 1.56 20.64
C ALA A 95 -9.52 0.56 21.48
N SER A 96 -9.94 0.95 22.69
CA SER A 96 -10.71 0.08 23.56
C SER A 96 -11.50 0.91 24.56
N THR A 97 -12.47 0.26 25.19
CA THR A 97 -13.31 0.84 26.21
C THR A 97 -13.30 -0.25 27.32
N GLY A 98 -13.73 0.00 28.54
CA GLY A 98 -13.72 -1.02 29.57
C GLY A 98 -15.01 -0.80 30.31
N LEU A 99 -14.97 -0.48 31.60
CA LEU A 99 -16.18 -0.25 32.35
C LEU A 99 -16.64 1.14 31.91
N TYR A 100 -15.71 2.05 31.61
CA TYR A 100 -16.12 3.39 31.18
C TYR A 100 -15.88 3.33 29.65
N LYS A 101 -16.48 4.25 28.93
CA LYS A 101 -16.35 4.24 27.50
C LYS A 101 -16.38 5.59 26.83
N GLU A 102 -16.19 5.57 25.50
CA GLU A 102 -16.15 6.76 24.67
C GLU A 102 -16.24 6.29 23.24
N THR A 103 -16.44 7.19 22.29
CA THR A 103 -16.47 6.83 20.89
C THR A 103 -14.99 6.97 20.51
N ASN A 104 -14.45 6.10 19.66
CA ASN A 104 -13.07 6.20 19.26
C ASN A 104 -13.17 6.30 17.74
N THR A 105 -13.64 7.44 17.25
CA THR A 105 -13.84 7.67 15.84
C THR A 105 -12.65 8.24 15.10
N ILE A 106 -12.27 7.69 13.95
CA ILE A 106 -11.13 8.18 13.16
C ILE A 106 -11.74 8.78 11.92
N LEU A 107 -11.43 10.04 11.66
CA LEU A 107 -11.94 10.76 10.53
C LEU A 107 -11.03 10.78 9.31
N SER A 108 -9.73 10.63 9.49
CA SER A 108 -8.81 10.63 8.39
C SER A 108 -7.52 10.00 8.90
N TRP A 109 -6.71 9.42 8.02
CA TRP A 109 -5.46 8.82 8.45
C TRP A 109 -4.51 8.78 7.29
N SER A 110 -3.28 9.24 7.45
CA SER A 110 -2.34 9.15 6.36
C SER A 110 -1.04 8.69 6.97
N PHE A 111 -0.20 8.07 6.15
CA PHE A 111 1.09 7.55 6.55
C PHE A 111 2.04 7.63 5.40
N THR A 112 3.31 7.84 5.69
CA THR A 112 4.33 7.90 4.66
C THR A 112 5.64 7.30 5.20
N SER A 113 6.31 6.32 4.58
CA SER A 113 7.60 5.84 5.08
C SER A 113 8.47 5.89 3.83
N LYS A 114 9.76 6.21 3.96
CA LYS A 114 10.68 6.29 2.86
C LYS A 114 11.98 5.66 3.30
N LEU A 115 12.72 4.98 2.43
CA LEU A 115 13.99 4.35 2.74
C LEU A 115 14.96 4.92 1.71
N LYS A 116 15.93 5.77 2.00
CA LYS A 116 16.85 6.29 0.99
C LYS A 116 18.08 5.42 1.19
N SER A 117 18.33 4.46 0.30
CA SER A 117 19.49 3.57 0.42
C SER A 117 20.71 4.24 -0.22
N ASN A 118 21.84 3.59 0.13
CA ASN A 118 23.22 3.91 -0.27
C ASN A 118 23.49 4.56 -1.65
N SER A 119 22.94 3.93 -2.71
CA SER A 119 23.06 4.36 -4.09
C SER A 119 22.25 5.62 -4.40
N THR A 120 22.95 6.54 -5.07
CA THR A 120 22.41 7.84 -5.49
C THR A 120 21.07 7.68 -6.21
N HIS A 121 20.10 8.29 -5.50
CA HIS A 121 18.68 8.36 -5.87
C HIS A 121 17.86 7.04 -5.65
N GLU A 122 18.33 5.95 -5.04
CA GLU A 122 17.52 4.74 -4.91
C GLU A 122 16.63 4.69 -3.65
N THR A 123 15.53 5.43 -3.76
CA THR A 123 14.53 5.55 -2.71
C THR A 123 13.29 4.66 -2.89
N ASN A 124 12.82 4.05 -1.80
CA ASN A 124 11.64 3.20 -1.77
C ASN A 124 10.69 4.01 -0.89
N ALA A 125 9.41 4.06 -1.22
CA ALA A 125 8.44 4.84 -0.49
C ALA A 125 7.06 4.22 -0.54
N LEU A 126 6.25 4.49 0.47
CA LEU A 126 4.87 4.03 0.56
C LEU A 126 4.07 5.19 1.12
N HIS A 127 2.93 5.54 0.56
CA HIS A 127 2.14 6.60 1.10
C HIS A 127 0.66 6.25 0.92
N PHE A 128 -0.20 6.32 1.93
CA PHE A 128 -1.60 6.08 1.73
C PHE A 128 -2.27 7.22 2.50
N MET A 129 -3.43 7.65 2.05
CA MET A 129 -4.15 8.72 2.70
C MET A 129 -5.64 8.43 2.66
N PHE A 130 -6.35 8.37 3.79
CA PHE A 130 -7.77 8.12 3.77
C PHE A 130 -8.44 9.31 4.37
N ASN A 131 -9.20 10.02 3.56
CA ASN A 131 -9.92 11.14 4.14
C ASN A 131 -11.39 10.73 4.28
N GLN A 132 -11.80 9.51 3.92
CA GLN A 132 -13.15 9.05 4.03
C GLN A 132 -13.03 7.55 3.95
N PHE A 133 -13.77 6.76 4.72
CA PHE A 133 -13.67 5.33 4.67
C PHE A 133 -14.99 4.81 4.17
N SER A 134 -14.99 3.81 3.32
CA SER A 134 -16.17 3.24 2.75
C SER A 134 -16.55 1.99 3.51
N LYS A 135 -17.76 1.45 3.30
CA LYS A 135 -18.23 0.25 3.98
C LYS A 135 -17.33 -0.90 3.64
N ASP A 136 -16.83 -0.87 2.42
CA ASP A 136 -15.96 -1.96 2.04
C ASP A 136 -14.61 -1.41 1.74
N GLN A 137 -13.86 -1.23 2.80
CA GLN A 137 -12.53 -0.68 2.72
C GLN A 137 -11.64 -1.90 2.62
N LYS A 138 -11.41 -2.38 1.39
CA LYS A 138 -10.59 -3.56 1.21
C LYS A 138 -9.11 -3.53 1.52
N ASP A 139 -8.55 -2.34 1.60
CA ASP A 139 -7.13 -2.17 1.93
C ASP A 139 -6.88 -2.01 3.44
N LEU A 140 -7.86 -2.32 4.30
CA LEU A 140 -7.68 -2.23 5.73
C LEU A 140 -8.11 -3.58 6.28
N ILE A 141 -7.39 -4.07 7.31
CA ILE A 141 -7.64 -5.33 7.99
C ILE A 141 -8.34 -4.79 9.24
N LEU A 142 -9.59 -5.19 9.49
CA LEU A 142 -10.32 -4.70 10.67
C LEU A 142 -10.32 -5.88 11.64
N GLN A 143 -9.91 -5.65 12.86
CA GLN A 143 -9.87 -6.70 13.84
C GLN A 143 -10.80 -6.32 14.98
N GLY A 144 -11.43 -7.24 15.69
CA GLY A 144 -12.30 -6.86 16.77
C GLY A 144 -13.58 -6.22 16.27
N ASP A 145 -13.95 -5.15 16.98
CA ASP A 145 -15.16 -4.38 16.72
C ASP A 145 -15.13 -3.21 15.79
N ALA A 146 -14.00 -2.98 15.12
CA ALA A 146 -13.86 -1.86 14.21
C ALA A 146 -14.69 -2.00 12.97
N THR A 147 -15.33 -0.91 12.57
CA THR A 147 -16.17 -0.91 11.37
C THR A 147 -15.85 0.38 10.62
N THR A 148 -16.20 0.47 9.35
CA THR A 148 -15.95 1.64 8.54
C THR A 148 -17.25 1.98 7.85
N GLY A 149 -17.21 3.07 7.10
CA GLY A 149 -18.37 3.48 6.36
C GLY A 149 -19.42 4.18 7.19
N THR A 150 -19.47 4.12 8.53
CA THR A 150 -20.49 4.85 9.30
C THR A 150 -20.08 6.31 9.20
N ASP A 151 -20.86 7.01 8.36
CA ASP A 151 -20.69 8.41 8.04
C ASP A 151 -19.37 8.75 7.35
N GLY A 152 -18.76 7.74 6.71
CA GLY A 152 -17.49 7.92 6.05
C GLY A 152 -16.36 7.84 7.07
N ASN A 153 -16.59 7.30 8.26
CA ASN A 153 -15.56 7.22 9.28
C ASN A 153 -15.28 5.81 9.75
N LEU A 154 -14.16 5.67 10.47
CA LEU A 154 -13.77 4.39 11.02
C LEU A 154 -14.15 4.39 12.53
N GLU A 155 -14.94 3.44 13.00
CA GLU A 155 -15.31 3.40 14.40
C GLU A 155 -14.42 2.33 14.97
N LEU A 156 -13.41 2.55 15.83
CA LEU A 156 -12.63 1.39 16.27
C LEU A 156 -13.37 0.59 17.34
N THR A 157 -14.25 1.20 18.11
CA THR A 157 -14.96 0.43 19.11
C THR A 157 -16.45 0.58 18.79
N ARG A 158 -17.25 -0.33 19.34
CA ARG A 158 -18.69 -0.44 19.18
C ARG A 158 -19.48 0.78 19.55
N VAL A 159 -20.36 1.23 18.70
CA VAL A 159 -21.18 2.38 19.01
C VAL A 159 -22.58 1.90 18.66
N SER A 160 -23.65 2.34 19.31
CA SER A 160 -24.96 1.85 18.92
C SER A 160 -25.56 2.87 18.00
N SER A 161 -26.48 2.41 17.13
CA SER A 161 -27.23 3.20 16.14
C SER A 161 -27.57 4.63 16.54
N ASN A 162 -27.85 4.81 17.84
CA ASN A 162 -28.18 6.10 18.42
C ASN A 162 -26.94 6.94 18.77
N GLY A 163 -25.72 6.52 18.40
CA GLY A 163 -24.48 7.23 18.70
C GLY A 163 -23.96 6.92 20.10
N SER A 164 -24.29 5.79 20.75
CA SER A 164 -23.75 5.60 22.10
C SER A 164 -22.66 4.56 22.19
N PRO A 165 -21.53 4.90 22.79
CA PRO A 165 -20.38 4.02 22.85
C PRO A 165 -20.68 2.89 23.79
N GLN A 166 -20.11 1.73 23.55
CA GLN A 166 -20.34 0.58 24.39
C GLN A 166 -19.10 0.25 25.20
N GLY A 167 -19.27 -0.37 26.33
CA GLY A 167 -18.16 -0.75 27.16
C GLY A 167 -17.55 -2.06 26.67
N SER A 168 -16.42 -2.46 27.28
CA SER A 168 -15.67 -3.65 26.94
C SER A 168 -15.52 -3.89 25.45
N SER A 169 -15.15 -2.87 24.69
CA SER A 169 -14.99 -3.00 23.25
C SER A 169 -13.53 -2.82 22.88
N VAL A 170 -13.10 -3.43 21.79
CA VAL A 170 -11.73 -3.29 21.34
C VAL A 170 -11.80 -3.50 19.85
N GLY A 171 -11.02 -2.77 19.08
CA GLY A 171 -11.01 -2.89 17.64
C GLY A 171 -9.72 -2.26 17.13
N ARG A 172 -9.22 -2.74 16.02
CA ARG A 172 -8.00 -2.21 15.42
C ARG A 172 -8.18 -2.22 13.90
N ALA A 173 -7.53 -1.31 13.19
CA ALA A 173 -7.58 -1.24 11.74
C ALA A 173 -6.12 -1.25 11.29
N LEU A 174 -5.61 -2.21 10.52
CA LEU A 174 -4.21 -2.24 10.07
C LEU A 174 -4.10 -1.98 8.56
N PHE A 175 -3.11 -1.27 7.97
CA PHE A 175 -3.08 -1.06 6.54
C PHE A 175 -2.70 -2.42 6.00
N TYR A 176 -3.36 -2.77 4.91
CA TYR A 176 -3.13 -4.04 4.29
C TYR A 176 -1.72 -4.46 3.88
N ALA A 177 -0.93 -3.61 3.21
CA ALA A 177 0.40 -3.98 2.79
C ALA A 177 1.42 -3.88 3.92
N PRO A 178 2.32 -4.89 4.06
CA PRO A 178 3.46 -4.86 4.96
C PRO A 178 4.27 -3.61 4.66
N VAL A 179 4.98 -3.02 5.61
CA VAL A 179 5.72 -1.80 5.38
C VAL A 179 7.16 -2.11 5.66
N HIS A 180 8.14 -1.66 4.86
CA HIS A 180 9.54 -1.93 5.12
C HIS A 180 9.97 -0.73 5.98
N ILE A 181 9.95 -0.71 7.34
CA ILE A 181 10.34 0.52 8.03
C ILE A 181 11.81 0.66 8.26
N TRP A 182 12.59 -0.38 8.11
CA TRP A 182 14.01 -0.19 8.26
C TRP A 182 14.66 -1.18 7.31
N GLU A 183 15.92 -0.96 6.96
CA GLU A 183 16.61 -1.82 6.06
C GLU A 183 18.05 -1.49 6.34
N SER A 184 18.84 -2.54 6.45
CA SER A 184 20.27 -2.46 6.73
C SER A 184 21.09 -1.51 5.85
N SER A 185 20.82 -1.37 4.54
CA SER A 185 21.60 -0.45 3.72
C SER A 185 20.98 0.92 3.46
N ALA A 186 20.00 1.32 4.28
CA ALA A 186 19.36 2.60 4.09
C ALA A 186 20.16 3.64 4.80
N VAL A 187 20.44 4.73 4.11
CA VAL A 187 21.17 5.88 4.64
C VAL A 187 20.23 6.63 5.59
N VAL A 188 18.95 6.72 5.19
CA VAL A 188 17.93 7.37 5.98
C VAL A 188 16.63 6.59 5.84
N ALA A 189 15.90 6.30 6.90
CA ALA A 189 14.60 5.60 6.89
C ALA A 189 13.71 6.57 7.69
N SER A 190 12.52 6.93 7.29
CA SER A 190 11.72 7.84 8.08
C SER A 190 10.28 7.55 7.81
N PHE A 191 9.38 7.99 8.71
CA PHE A 191 7.95 7.79 8.54
C PHE A 191 7.28 8.93 9.27
N GLU A 192 6.04 9.21 8.85
CA GLU A 192 5.22 10.27 9.41
C GLU A 192 3.82 9.69 9.36
N ALA A 193 3.01 9.92 10.40
CA ALA A 193 1.63 9.45 10.42
C ALA A 193 0.77 10.57 10.99
N THR A 194 -0.45 10.80 10.51
CA THR A 194 -1.34 11.83 10.96
C THR A 194 -2.71 11.19 10.97
N PHE A 195 -3.54 11.52 11.95
CA PHE A 195 -4.88 11.01 11.96
C PHE A 195 -5.70 12.02 12.75
N THR A 196 -6.99 12.14 12.48
CA THR A 196 -7.83 13.08 13.22
C THR A 196 -8.82 12.12 13.86
N PHE A 197 -9.18 12.43 15.10
CA PHE A 197 -10.08 11.59 15.87
C PHE A 197 -11.12 12.41 16.57
N LEU A 198 -12.13 11.71 17.06
CA LEU A 198 -13.16 12.39 17.81
C LEU A 198 -13.53 11.44 18.96
N ILE A 199 -13.21 11.83 20.18
CA ILE A 199 -13.49 11.03 21.36
C ILE A 199 -14.60 11.79 22.05
N LYS A 200 -15.71 11.10 22.22
CA LYS A 200 -16.88 11.68 22.86
C LYS A 200 -17.38 10.69 23.88
N SER A 201 -17.71 11.20 25.05
CA SER A 201 -18.20 10.38 26.13
C SER A 201 -19.50 11.00 26.64
N PRO A 202 -20.55 10.19 26.86
CA PRO A 202 -21.88 10.64 27.28
C PRO A 202 -21.84 11.37 28.61
N ASP A 203 -21.01 10.86 29.49
CA ASP A 203 -20.80 11.42 30.80
C ASP A 203 -19.42 11.99 30.67
N SER A 204 -18.99 12.72 31.67
CA SER A 204 -17.67 13.30 31.64
C SER A 204 -16.67 12.24 32.08
N HIS A 205 -16.78 10.93 31.76
CA HIS A 205 -15.79 9.95 32.25
C HIS A 205 -15.41 8.98 31.11
N PRO A 206 -14.58 9.43 30.13
CA PRO A 206 -14.16 8.62 29.01
C PRO A 206 -13.06 7.66 29.38
N ALA A 207 -13.03 6.58 28.63
CA ALA A 207 -12.04 5.53 28.77
C ALA A 207 -12.14 4.72 27.48
N ASP A 208 -11.16 4.06 26.90
CA ASP A 208 -9.82 4.02 27.44
C ASP A 208 -8.73 4.75 26.62
N GLY A 209 -8.93 4.95 25.31
CA GLY A 209 -7.94 5.63 24.52
C GLY A 209 -7.84 5.06 23.13
N ILE A 210 -7.02 5.74 22.36
CA ILE A 210 -6.76 5.39 20.99
C ILE A 210 -5.26 5.24 20.87
N ALA A 211 -4.71 4.38 20.03
CA ALA A 211 -3.27 4.34 19.91
C ALA A 211 -2.84 4.05 18.48
N PHE A 212 -1.77 4.69 18.01
CA PHE A 212 -1.24 4.47 16.66
C PHE A 212 -0.17 3.45 16.98
N PHE A 213 -0.02 2.33 16.26
CA PHE A 213 0.98 1.33 16.61
C PHE A 213 1.62 0.75 15.36
N ILE A 214 2.79 0.13 15.53
CA ILE A 214 3.56 -0.51 14.49
C ILE A 214 3.77 -1.88 15.10
N SER A 215 3.52 -2.98 14.43
CA SER A 215 3.70 -4.32 14.98
C SER A 215 4.23 -5.29 13.95
N ASN A 216 4.45 -6.54 14.35
CA ASN A 216 4.88 -7.60 13.43
C ASN A 216 3.69 -7.72 12.47
N ILE A 217 3.85 -8.16 11.22
CA ILE A 217 2.74 -8.21 10.30
C ILE A 217 1.56 -9.08 10.62
N ASP A 218 1.84 -10.11 11.40
CA ASP A 218 0.84 -11.07 11.81
C ASP A 218 0.13 -10.71 13.11
N SER A 219 0.26 -9.49 13.63
CA SER A 219 -0.40 -9.17 14.88
C SER A 219 -1.93 -9.28 14.91
N SER A 220 -2.52 -9.76 16.01
CA SER A 220 -3.95 -9.89 16.20
C SER A 220 -4.22 -9.38 17.62
N ILE A 221 -5.44 -8.96 17.99
CA ILE A 221 -5.74 -8.46 19.33
C ILE A 221 -5.46 -9.55 20.37
N PRO A 222 -4.67 -9.32 21.44
CA PRO A 222 -4.43 -10.29 22.51
C PRO A 222 -5.66 -10.52 23.35
N SER A 223 -5.79 -11.70 23.91
CA SER A 223 -6.92 -12.02 24.76
C SER A 223 -6.91 -11.14 26.01
N GLY A 224 -8.08 -10.60 26.30
CA GLY A 224 -8.20 -9.77 27.46
C GLY A 224 -7.57 -8.41 27.34
N SER A 225 -7.37 -7.87 26.13
CA SER A 225 -6.76 -6.58 26.01
C SER A 225 -7.78 -5.44 25.97
N THR A 226 -9.05 -5.59 26.39
CA THR A 226 -10.01 -4.48 26.36
C THR A 226 -9.62 -3.50 27.49
N GLY A 227 -10.28 -2.39 27.67
CA GLY A 227 -9.91 -1.55 28.77
C GLY A 227 -8.52 -0.99 28.66
N ARG A 228 -7.89 -0.91 29.83
CA ARG A 228 -6.57 -0.37 29.96
C ARG A 228 -5.48 -0.89 29.07
N LEU A 229 -5.61 -2.10 28.50
CA LEU A 229 -4.55 -2.57 27.66
C LEU A 229 -4.62 -2.11 26.21
N LEU A 230 -5.59 -1.22 25.92
CA LEU A 230 -5.77 -0.61 24.63
C LEU A 230 -5.83 -1.52 23.41
N GLY A 231 -6.09 -2.81 23.54
CA GLY A 231 -6.15 -3.75 22.44
C GLY A 231 -4.79 -4.04 21.88
N LEU A 232 -3.77 -3.66 22.66
CA LEU A 232 -2.40 -3.82 22.28
C LEU A 232 -1.56 -4.80 23.02
N PHE A 233 -1.67 -4.86 24.36
CA PHE A 233 -0.86 -5.76 25.16
C PHE A 233 -1.58 -6.89 25.81
N PRO A 234 -0.95 -8.03 26.04
CA PRO A 234 -1.58 -9.15 26.70
C PRO A 234 -1.64 -8.96 28.22
N ASP A 235 -0.72 -8.19 28.80
CA ASP A 235 -0.65 -7.95 30.22
C ASP A 235 -0.18 -6.55 30.45
N ALA A 236 -0.04 -6.20 31.71
CA ALA A 236 0.39 -4.87 32.06
C ALA A 236 1.81 -4.77 32.57
N ASN A 237 2.66 -5.66 32.08
CA ASN A 237 4.05 -5.66 32.49
C ASN A 237 4.87 -4.72 31.62
N ALA B 1 -13.11 -16.26 -14.69
CA ALA B 1 -12.16 -15.67 -15.60
C ALA B 1 -11.85 -14.40 -14.86
N ASP B 2 -10.69 -13.86 -15.14
CA ASP B 2 -10.29 -12.65 -14.49
C ASP B 2 -10.70 -11.50 -15.41
N THR B 3 -10.69 -10.25 -14.93
CA THR B 3 -11.02 -9.09 -15.75
C THR B 3 -9.63 -8.47 -15.82
N ILE B 4 -9.09 -8.29 -17.01
CA ILE B 4 -7.77 -7.74 -17.17
C ILE B 4 -7.79 -6.54 -18.09
N VAL B 5 -7.12 -5.47 -17.71
CA VAL B 5 -6.96 -4.27 -18.51
C VAL B 5 -5.43 -4.29 -18.49
N ALA B 6 -4.76 -4.28 -19.62
CA ALA B 6 -3.31 -4.32 -19.62
C ALA B 6 -2.68 -3.43 -20.66
N VAL B 7 -1.43 -3.03 -20.44
CA VAL B 7 -0.73 -2.24 -21.43
C VAL B 7 0.42 -3.22 -21.75
N GLU B 8 0.41 -3.84 -22.94
CA GLU B 8 1.46 -4.76 -23.29
C GLU B 8 2.61 -4.19 -24.09
N LEU B 9 3.82 -4.69 -23.84
CA LEU B 9 5.04 -4.30 -24.54
C LEU B 9 5.33 -5.67 -25.14
N ASP B 10 4.82 -5.90 -26.35
CA ASP B 10 4.97 -7.17 -27.03
C ASP B 10 6.14 -7.21 -28.00
N THR B 11 7.12 -8.05 -27.68
CA THR B 11 8.30 -8.15 -28.53
C THR B 11 8.25 -9.20 -29.63
N TYR B 12 7.24 -10.06 -29.64
CA TYR B 12 7.15 -11.12 -30.64
C TYR B 12 5.87 -11.05 -31.40
N PRO B 13 5.83 -10.84 -32.74
CA PRO B 13 4.62 -10.83 -33.54
C PRO B 13 4.02 -12.21 -33.81
N ASN B 14 2.88 -12.48 -33.19
CA ASN B 14 2.09 -13.69 -33.31
C ASN B 14 0.97 -13.27 -34.23
N THR B 15 1.33 -13.16 -35.48
CA THR B 15 0.48 -12.77 -36.61
C THR B 15 -0.84 -13.53 -36.63
N ASP B 16 -0.74 -14.79 -36.24
CA ASP B 16 -1.90 -15.65 -36.19
C ASP B 16 -2.92 -15.36 -35.10
N ILE B 17 -2.62 -14.47 -34.17
CA ILE B 17 -3.48 -14.10 -33.07
C ILE B 17 -3.81 -12.61 -33.20
N GLY B 18 -3.57 -11.99 -34.33
CA GLY B 18 -3.89 -10.59 -34.46
C GLY B 18 -2.72 -9.68 -34.22
N ASP B 19 -1.51 -10.10 -33.80
CA ASP B 19 -0.48 -9.11 -33.61
C ASP B 19 -0.09 -8.41 -34.90
N PRO B 20 0.29 -7.12 -34.89
CA PRO B 20 1.02 -6.56 -36.01
C PRO B 20 2.30 -7.34 -36.18
N SER B 21 2.80 -7.30 -37.41
CA SER B 21 4.02 -7.97 -37.79
C SER B 21 5.31 -7.32 -37.32
N TYR B 22 5.31 -6.61 -36.18
CA TYR B 22 6.49 -5.94 -35.65
C TYR B 22 6.31 -5.88 -34.14
N PRO B 23 7.37 -5.72 -33.32
CA PRO B 23 7.31 -5.35 -31.92
C PRO B 23 6.33 -4.19 -31.77
N HIS B 24 5.51 -4.19 -30.71
CA HIS B 24 4.53 -3.15 -30.57
C HIS B 24 4.05 -2.96 -29.15
N ILE B 25 3.38 -1.85 -28.82
CA ILE B 25 2.83 -1.68 -27.48
C ILE B 25 1.32 -1.70 -27.79
N GLY B 26 0.43 -2.15 -26.91
CA GLY B 26 -0.98 -2.17 -27.23
C GLY B 26 -1.81 -2.09 -25.98
N ILE B 27 -3.08 -1.68 -26.10
CA ILE B 27 -4.02 -1.58 -24.98
C ILE B 27 -4.90 -2.83 -25.04
N ASP B 28 -4.88 -3.69 -24.04
CA ASP B 28 -5.65 -4.92 -24.04
C ASP B 28 -6.79 -4.81 -23.08
N ILE B 29 -8.02 -4.85 -23.54
CA ILE B 29 -9.16 -4.76 -22.67
C ILE B 29 -9.81 -6.13 -22.73
N LYS B 30 -9.57 -6.98 -21.75
CA LYS B 30 -10.13 -8.31 -21.65
C LYS B 30 -9.77 -9.29 -22.74
N SER B 31 -8.88 -9.02 -23.68
CA SER B 31 -8.55 -9.99 -24.71
C SER B 31 -7.10 -9.75 -25.03
N VAL B 32 -6.35 -10.73 -25.54
CA VAL B 32 -4.96 -10.48 -25.89
C VAL B 32 -5.02 -9.70 -27.21
N ARG B 33 -6.11 -9.70 -27.99
CA ARG B 33 -6.13 -8.96 -29.25
C ARG B 33 -6.29 -7.49 -28.92
N SER B 34 -5.19 -6.76 -28.75
CA SER B 34 -5.21 -5.38 -28.42
C SER B 34 -6.23 -4.53 -29.14
N LYS B 35 -6.89 -3.64 -28.42
CA LYS B 35 -7.86 -2.73 -29.00
C LYS B 35 -7.09 -1.67 -29.79
N LYS B 36 -5.84 -1.29 -29.49
CA LYS B 36 -5.12 -0.29 -30.23
C LYS B 36 -3.66 -0.71 -30.12
N THR B 37 -2.78 -0.56 -31.12
CA THR B 37 -1.38 -0.95 -31.01
C THR B 37 -0.54 0.17 -31.66
N ALA B 38 0.76 0.29 -31.41
CA ALA B 38 1.58 1.32 -32.01
C ALA B 38 2.90 0.62 -32.25
N LYS B 39 3.58 0.95 -33.34
CA LYS B 39 4.83 0.30 -33.67
C LYS B 39 5.86 0.63 -32.60
N TRP B 40 6.63 -0.33 -32.09
CA TRP B 40 7.60 -0.02 -31.06
C TRP B 40 8.99 -0.48 -31.49
N ASN B 41 10.00 0.38 -31.45
CA ASN B 41 11.34 -0.01 -31.83
C ASN B 41 12.08 -0.43 -30.57
N MET B 42 11.88 -1.70 -30.25
CA MET B 42 12.49 -2.28 -29.05
C MET B 42 13.99 -2.30 -29.24
N GLN B 43 14.70 -1.94 -28.19
CA GLN B 43 16.14 -1.91 -28.21
C GLN B 43 16.73 -2.92 -27.27
N ASN B 44 17.10 -4.03 -27.90
CA ASN B 44 17.69 -5.13 -27.19
C ASN B 44 18.84 -4.80 -26.24
N GLY B 45 18.74 -5.17 -24.98
CA GLY B 45 19.79 -4.92 -23.99
C GLY B 45 19.81 -3.50 -23.48
N LYS B 46 18.85 -2.64 -23.77
CA LYS B 46 18.87 -1.29 -23.27
C LYS B 46 17.77 -1.10 -22.22
N VAL B 47 17.92 -0.26 -21.20
CA VAL B 47 16.90 0.01 -20.17
C VAL B 47 15.90 1.03 -20.75
N GLY B 48 14.61 0.71 -20.73
CA GLY B 48 13.62 1.63 -21.25
C GLY B 48 12.67 2.05 -20.15
N THR B 49 11.73 2.96 -20.45
CA THR B 49 10.74 3.42 -19.49
C THR B 49 9.36 3.43 -20.08
N ALA B 50 8.37 2.97 -19.34
CA ALA B 50 7.01 2.97 -19.81
C ALA B 50 6.27 3.85 -18.81
N HIS B 51 5.39 4.74 -19.28
CA HIS B 51 4.61 5.61 -18.41
C HIS B 51 3.18 5.29 -18.76
N ILE B 52 2.25 5.03 -17.86
CA ILE B 52 0.86 4.70 -18.19
C ILE B 52 0.02 5.72 -17.41
N ILE B 53 -1.01 6.32 -17.99
CA ILE B 53 -1.81 7.33 -17.30
C ILE B 53 -3.27 7.20 -17.68
N TYR B 54 -4.13 7.53 -16.75
CA TYR B 54 -5.58 7.48 -16.94
C TYR B 54 -6.27 8.43 -15.96
N ASN B 55 -7.39 9.04 -16.35
CA ASN B 55 -8.14 9.89 -15.42
C ASN B 55 -9.58 9.76 -15.89
N SER B 56 -10.50 9.81 -14.93
CA SER B 56 -11.89 9.65 -15.17
C SER B 56 -12.53 10.79 -15.88
N VAL B 57 -11.92 11.95 -16.00
CA VAL B 57 -12.56 13.04 -16.74
C VAL B 57 -12.41 12.77 -18.24
N ASP B 58 -11.19 12.50 -18.73
CA ASP B 58 -10.96 12.24 -20.14
C ASP B 58 -11.29 10.81 -20.49
N LYS B 59 -11.18 9.84 -19.58
CA LYS B 59 -11.47 8.44 -19.84
C LYS B 59 -10.66 7.93 -21.02
N ARG B 60 -9.37 8.29 -20.99
CA ARG B 60 -8.40 7.94 -22.00
C ARG B 60 -7.27 7.19 -21.32
N LEU B 61 -6.92 5.96 -21.72
CA LEU B 61 -5.83 5.21 -21.11
C LEU B 61 -4.69 5.42 -22.05
N SER B 62 -3.56 5.98 -21.62
CA SER B 62 -2.47 6.20 -22.52
C SER B 62 -1.18 5.64 -21.97
N ALA B 63 -0.23 5.26 -22.83
CA ALA B 63 1.04 4.71 -22.43
C ALA B 63 2.10 5.24 -23.35
N VAL B 64 3.31 5.48 -22.85
CA VAL B 64 4.41 5.98 -23.65
C VAL B 64 5.55 5.08 -23.24
N VAL B 65 6.34 4.59 -24.19
CA VAL B 65 7.48 3.74 -23.88
C VAL B 65 8.63 4.44 -24.56
N SER B 66 9.79 4.67 -23.97
CA SER B 66 10.88 5.34 -24.62
C SER B 66 12.18 4.78 -24.11
N TYR B 67 13.25 5.04 -24.84
CA TYR B 67 14.60 4.65 -24.48
C TYR B 67 15.30 6.01 -24.55
N PRO B 68 16.31 6.35 -23.75
CA PRO B 68 17.00 7.61 -23.84
C PRO B 68 17.57 7.75 -25.24
N ASN B 69 17.42 8.95 -25.81
CA ASN B 69 17.88 9.28 -27.15
C ASN B 69 17.32 8.32 -28.19
N ALA B 70 15.99 8.22 -28.23
CA ALA B 70 15.29 7.37 -29.17
C ALA B 70 13.92 7.97 -29.21
N ASP B 71 13.08 7.67 -30.18
CA ASP B 71 11.75 8.27 -30.15
C ASP B 71 10.89 7.31 -29.40
N SER B 72 9.87 7.92 -28.81
CA SER B 72 8.94 7.16 -28.03
C SER B 72 7.84 6.58 -28.89
N ALA B 73 7.15 5.59 -28.39
CA ALA B 73 6.04 4.99 -29.08
C ALA B 73 4.91 5.33 -28.12
N THR B 74 3.72 5.82 -28.49
CA THR B 74 2.69 6.08 -27.52
C THR B 74 1.39 5.47 -28.05
N VAL B 75 0.44 5.03 -27.23
CA VAL B 75 -0.79 4.44 -27.70
C VAL B 75 -1.83 4.90 -26.69
N SER B 76 -3.02 5.27 -27.17
CA SER B 76 -4.13 5.74 -26.34
C SER B 76 -5.42 5.07 -26.76
N TYR B 77 -6.36 4.84 -25.85
CA TYR B 77 -7.61 4.22 -26.16
C TYR B 77 -8.64 4.81 -25.23
N ASP B 78 -9.80 5.14 -25.75
CA ASP B 78 -10.85 5.71 -24.95
C ASP B 78 -11.62 4.59 -24.30
N VAL B 79 -11.63 4.58 -22.99
CA VAL B 79 -12.32 3.53 -22.31
C VAL B 79 -12.74 4.07 -20.96
N ASP B 80 -13.97 3.69 -20.60
CA ASP B 80 -14.49 4.11 -19.31
C ASP B 80 -14.26 2.88 -18.46
N LEU B 81 -13.18 2.96 -17.70
CA LEU B 81 -12.77 1.90 -16.81
C LEU B 81 -13.81 1.61 -15.76
N ASP B 82 -14.75 2.49 -15.40
CA ASP B 82 -15.75 2.18 -14.40
C ASP B 82 -16.63 1.10 -14.99
N ASN B 83 -16.75 0.91 -16.34
CA ASN B 83 -17.60 -0.16 -16.89
C ASN B 83 -16.85 -1.42 -17.15
N VAL B 84 -15.55 -1.47 -16.95
CA VAL B 84 -14.79 -2.66 -17.21
C VAL B 84 -14.28 -3.37 -15.96
N LEU B 85 -13.77 -2.58 -15.03
CA LEU B 85 -13.19 -3.10 -13.81
C LEU B 85 -14.06 -3.04 -12.59
N PRO B 86 -13.84 -3.98 -11.66
CA PRO B 86 -14.42 -3.89 -10.33
C PRO B 86 -13.90 -2.61 -9.66
N GLU B 87 -14.54 -2.23 -8.58
CA GLU B 87 -14.16 -1.04 -7.89
C GLU B 87 -12.81 -1.24 -7.24
N TRP B 88 -12.61 -2.42 -6.63
CA TRP B 88 -11.34 -2.72 -5.99
C TRP B 88 -10.62 -3.64 -6.94
N VAL B 89 -9.33 -3.41 -7.09
CA VAL B 89 -8.50 -4.16 -8.05
C VAL B 89 -7.06 -4.46 -7.55
N ARG B 90 -6.18 -5.25 -8.15
CA ARG B 90 -4.81 -5.38 -7.66
C ARG B 90 -4.00 -4.90 -8.89
N VAL B 91 -2.83 -4.27 -8.82
CA VAL B 91 -2.12 -3.85 -10.04
C VAL B 91 -0.81 -4.64 -10.06
N GLY B 92 -0.30 -4.92 -11.24
CA GLY B 92 0.91 -5.67 -11.28
C GLY B 92 1.57 -5.59 -12.62
N LEU B 93 2.64 -6.36 -12.69
CA LEU B 93 3.47 -6.51 -13.88
C LEU B 93 3.53 -8.01 -14.19
N SER B 94 3.47 -8.36 -15.45
CA SER B 94 3.50 -9.73 -15.95
C SER B 94 4.48 -9.82 -17.11
N ALA B 95 5.04 -11.00 -17.37
CA ALA B 95 5.93 -11.21 -18.48
C ALA B 95 6.02 -12.71 -18.81
N SER B 96 6.44 -13.07 -20.01
CA SER B 96 6.58 -14.46 -20.36
C SER B 96 7.56 -14.66 -21.49
N THR B 97 7.99 -15.93 -21.67
CA THR B 97 8.87 -16.35 -22.74
C THR B 97 8.16 -17.62 -23.29
N GLY B 98 8.53 -18.19 -24.44
CA GLY B 98 7.89 -19.39 -25.02
C GLY B 98 9.03 -20.13 -25.68
N LEU B 99 9.03 -20.28 -27.02
CA LEU B 99 10.13 -20.96 -27.72
C LEU B 99 11.28 -19.97 -27.70
N TYR B 100 10.98 -18.71 -28.05
CA TYR B 100 11.98 -17.65 -28.04
C TYR B 100 11.99 -17.08 -26.61
N LYS B 101 13.02 -16.36 -26.15
CA LYS B 101 13.06 -15.88 -24.78
C LYS B 101 13.83 -14.60 -24.64
N GLU B 102 13.78 -13.95 -23.50
CA GLU B 102 14.47 -12.70 -23.23
C GLU B 102 14.40 -12.52 -21.72
N THR B 103 15.23 -11.67 -21.13
CA THR B 103 15.17 -11.39 -19.69
C THR B 103 13.98 -10.41 -19.58
N ASN B 104 13.16 -10.40 -18.50
CA ASN B 104 12.05 -9.48 -18.39
C ASN B 104 12.31 -8.85 -17.05
N THR B 105 13.41 -8.10 -16.99
CA THR B 105 13.85 -7.45 -15.76
C THR B 105 13.25 -6.11 -15.47
N ILE B 106 12.68 -5.89 -14.27
CA ILE B 106 12.09 -4.62 -13.89
C ILE B 106 13.09 -3.97 -12.94
N LEU B 107 13.59 -2.77 -13.20
CA LEU B 107 14.55 -2.16 -12.29
C LEU B 107 13.82 -1.20 -11.34
N SER B 108 12.66 -0.65 -11.68
CA SER B 108 11.96 0.23 -10.75
C SER B 108 10.50 0.25 -11.15
N TRP B 109 9.60 0.56 -10.20
CA TRP B 109 8.18 0.60 -10.50
C TRP B 109 7.58 1.56 -9.53
N SER B 110 6.71 2.45 -9.97
CA SER B 110 6.07 3.37 -9.04
C SER B 110 4.64 3.49 -9.53
N PHE B 111 3.69 3.76 -8.62
CA PHE B 111 2.27 3.89 -8.96
C PHE B 111 1.64 4.86 -7.98
N THR B 112 0.71 5.61 -8.51
CA THR B 112 -0.02 6.59 -7.73
C THR B 112 -1.46 6.53 -8.22
N SER B 113 -2.38 6.49 -7.27
CA SER B 113 -3.80 6.44 -7.55
C SER B 113 -4.49 7.49 -6.69
N LYS B 114 -5.41 8.29 -7.19
CA LYS B 114 -6.08 9.26 -6.37
C LYS B 114 -7.56 9.32 -6.68
N LEU B 115 -8.39 9.41 -5.64
CA LEU B 115 -9.82 9.52 -5.74
C LEU B 115 -10.12 10.87 -5.08
N LYS B 116 -10.58 11.89 -5.81
CA LYS B 116 -10.90 13.19 -5.23
C LYS B 116 -12.42 13.19 -5.17
N SER B 117 -13.03 13.16 -4.00
CA SER B 117 -14.49 13.16 -3.88
C SER B 117 -15.05 14.56 -3.92
N ASN B 118 -16.39 14.47 -4.14
CA ASN B 118 -17.31 15.61 -4.24
C ASN B 118 -17.10 16.72 -3.19
N SER B 119 -17.13 16.41 -1.88
CA SER B 119 -16.93 17.40 -0.85
C SER B 119 -15.40 17.45 -0.91
N THR B 120 -14.80 18.49 -1.52
CA THR B 120 -13.34 18.56 -1.60
C THR B 120 -12.68 18.50 -0.22
N HIS B 121 -11.38 18.22 -0.36
CA HIS B 121 -10.41 18.05 0.71
C HIS B 121 -10.81 16.69 1.33
N GLU B 122 -11.15 15.78 0.39
CA GLU B 122 -11.54 14.43 0.67
C GLU B 122 -11.09 13.58 -0.51
N THR B 123 -9.78 13.47 -0.51
CA THR B 123 -9.09 12.71 -1.51
C THR B 123 -8.57 11.53 -0.74
N ASN B 124 -8.57 10.38 -1.39
CA ASN B 124 -8.04 9.15 -0.84
C ASN B 124 -6.84 8.95 -1.76
N ALA B 125 -5.66 8.46 -1.40
CA ALA B 125 -4.53 8.30 -2.32
C ALA B 125 -3.71 7.12 -1.87
N LEU B 126 -3.03 6.52 -2.85
CA LEU B 126 -2.15 5.38 -2.64
C LEU B 126 -0.95 5.60 -3.57
N HIS B 127 0.25 5.54 -3.02
CA HIS B 127 1.40 5.70 -3.83
C HIS B 127 2.46 4.77 -3.32
N PHE B 128 3.16 4.02 -4.16
CA PHE B 128 4.25 3.19 -3.69
C PHE B 128 5.34 3.39 -4.74
N MET B 129 6.61 3.34 -4.36
CA MET B 129 7.71 3.46 -5.28
C MET B 129 8.76 2.43 -4.89
N PHE B 130 9.23 1.72 -5.90
CA PHE B 130 10.24 0.70 -5.71
C PHE B 130 11.40 1.05 -6.61
N ASN B 131 12.56 1.42 -6.05
CA ASN B 131 13.73 1.69 -6.88
C ASN B 131 14.73 0.59 -6.63
N GLN B 132 14.41 -0.36 -5.75
CA GLN B 132 15.26 -1.47 -5.38
C GLN B 132 14.33 -2.60 -4.91
N PHE B 133 14.54 -3.83 -5.30
CA PHE B 133 13.69 -4.92 -4.85
C PHE B 133 14.55 -5.75 -3.93
N SER B 134 14.08 -6.32 -2.82
CA SER B 134 14.97 -7.09 -2.00
C SER B 134 14.56 -8.54 -2.09
N LYS B 135 15.44 -9.37 -1.56
CA LYS B 135 15.21 -10.79 -1.55
C LYS B 135 13.89 -11.24 -0.95
N ASP B 136 13.35 -10.58 0.07
CA ASP B 136 12.09 -10.99 0.67
C ASP B 136 11.35 -9.67 0.66
N GLN B 137 10.63 -9.46 -0.43
CA GLN B 137 9.86 -8.28 -0.65
C GLN B 137 8.46 -8.64 -0.23
N LYS B 138 8.11 -8.52 1.04
CA LYS B 138 6.78 -8.86 1.51
C LYS B 138 5.61 -8.05 1.02
N ASP B 139 5.78 -6.88 0.40
CA ASP B 139 4.63 -6.16 -0.08
C ASP B 139 4.32 -6.53 -1.54
N LEU B 140 4.89 -7.61 -2.12
CA LEU B 140 4.58 -7.99 -3.49
C LEU B 140 4.13 -9.43 -3.50
N ILE B 141 3.07 -9.78 -4.21
CA ILE B 141 2.61 -11.14 -4.29
C ILE B 141 3.33 -11.59 -5.56
N LEU B 142 4.30 -12.49 -5.53
CA LEU B 142 4.98 -12.94 -6.73
C LEU B 142 4.28 -14.20 -7.22
N GLN B 143 3.93 -14.33 -8.50
CA GLN B 143 3.25 -15.51 -9.03
C GLN B 143 4.13 -16.17 -10.10
N GLY B 144 3.98 -17.46 -10.39
CA GLY B 144 4.80 -18.16 -11.38
C GLY B 144 6.28 -18.16 -11.05
N ASP B 145 7.06 -17.85 -12.06
CA ASP B 145 8.51 -17.81 -11.97
C ASP B 145 9.13 -16.53 -11.50
N ALA B 146 8.36 -15.50 -11.10
CA ALA B 146 8.92 -14.22 -10.69
C ALA B 146 9.75 -14.28 -9.43
N THR B 147 10.87 -13.58 -9.36
CA THR B 147 11.71 -13.60 -8.18
C THR B 147 12.23 -12.21 -7.95
N THR B 148 12.65 -11.85 -6.75
CA THR B 148 13.21 -10.55 -6.50
C THR B 148 14.58 -10.66 -5.87
N GLY B 149 15.24 -9.52 -5.86
CA GLY B 149 16.53 -9.45 -5.20
C GLY B 149 17.79 -9.72 -5.94
N THR B 150 17.85 -10.38 -7.11
CA THR B 150 19.13 -10.63 -7.78
C THR B 150 20.07 -9.41 -7.82
N ASP B 151 19.90 -8.35 -8.60
CA ASP B 151 20.89 -7.29 -8.45
C ASP B 151 20.03 -6.13 -7.95
N GLY B 152 19.17 -6.47 -6.97
CA GLY B 152 18.22 -5.52 -6.41
C GLY B 152 17.13 -5.34 -7.48
N ASN B 153 16.91 -6.27 -8.40
CA ASN B 153 15.93 -6.16 -9.46
C ASN B 153 14.82 -7.16 -9.32
N LEU B 154 13.74 -6.97 -10.06
CA LEU B 154 12.64 -7.91 -10.04
C LEU B 154 12.78 -8.72 -11.36
N GLU B 155 12.96 -10.05 -11.35
CA GLU B 155 13.07 -10.84 -12.57
C GLU B 155 11.71 -11.46 -12.77
N LEU B 156 10.92 -11.01 -13.73
CA LEU B 156 9.61 -11.59 -13.91
C LEU B 156 9.67 -12.98 -14.47
N THR B 157 10.68 -13.37 -15.24
CA THR B 157 10.75 -14.73 -15.75
C THR B 157 12.14 -15.26 -15.39
N ARG B 158 12.22 -16.60 -15.42
CA ARG B 158 13.41 -17.38 -15.10
C ARG B 158 14.63 -17.04 -15.94
N VAL B 159 15.74 -16.84 -15.26
CA VAL B 159 16.99 -16.50 -15.91
C VAL B 159 17.97 -17.31 -15.08
N SER B 160 18.89 -18.02 -15.72
CA SER B 160 19.86 -18.83 -15.02
C SER B 160 20.88 -17.97 -14.27
N SER B 161 21.64 -18.65 -13.42
CA SER B 161 22.70 -18.08 -12.60
C SER B 161 23.72 -17.39 -13.48
N ASN B 162 23.92 -17.94 -14.68
CA ASN B 162 24.87 -17.35 -15.61
C ASN B 162 24.22 -16.28 -16.47
N GLY B 163 23.04 -15.76 -16.10
CA GLY B 163 22.34 -14.70 -16.84
C GLY B 163 21.51 -15.09 -18.04
N SER B 164 21.33 -16.37 -18.34
CA SER B 164 20.55 -16.74 -19.50
C SER B 164 19.05 -16.87 -19.26
N PRO B 165 18.22 -16.13 -19.96
CA PRO B 165 16.77 -16.28 -19.92
C PRO B 165 16.30 -17.66 -20.33
N GLN B 166 15.31 -18.26 -19.68
CA GLN B 166 14.82 -19.58 -20.04
C GLN B 166 13.50 -19.45 -20.80
N GLY B 167 13.20 -20.44 -21.66
CA GLY B 167 12.00 -20.48 -22.47
C GLY B 167 10.86 -21.00 -21.64
N SER B 168 9.62 -20.90 -22.12
CA SER B 168 8.43 -21.34 -21.42
C SER B 168 8.26 -20.94 -19.97
N SER B 169 8.54 -19.69 -19.66
CA SER B 169 8.45 -19.12 -18.33
C SER B 169 7.35 -18.09 -18.33
N VAL B 170 6.76 -17.82 -17.16
CA VAL B 170 5.71 -16.84 -16.99
C VAL B 170 5.75 -16.52 -15.50
N GLY B 171 5.67 -15.24 -15.16
CA GLY B 171 5.69 -14.80 -13.77
C GLY B 171 5.01 -13.45 -13.64
N ARG B 172 4.47 -13.07 -12.47
CA ARG B 172 3.79 -11.77 -12.29
C ARG B 172 4.13 -11.22 -10.93
N ALA B 173 4.14 -9.90 -10.73
CA ALA B 173 4.42 -9.34 -9.42
C ALA B 173 3.21 -8.48 -9.20
N LEU B 174 2.34 -8.62 -8.14
CA LEU B 174 1.17 -7.75 -7.94
C LEU B 174 1.44 -6.97 -6.64
N PHE B 175 1.08 -5.70 -6.48
CA PHE B 175 1.32 -5.04 -5.19
C PHE B 175 0.34 -5.67 -4.16
N TYR B 176 0.79 -5.90 -2.94
CA TYR B 176 -0.02 -6.50 -1.93
C TYR B 176 -1.40 -5.92 -1.60
N ALA B 177 -1.53 -4.61 -1.45
CA ALA B 177 -2.82 -4.01 -1.11
C ALA B 177 -3.75 -3.85 -2.31
N PRO B 178 -5.02 -4.22 -2.17
CA PRO B 178 -6.11 -3.85 -3.08
C PRO B 178 -6.09 -2.35 -3.38
N VAL B 179 -6.39 -1.90 -4.60
CA VAL B 179 -6.39 -0.49 -4.92
C VAL B 179 -7.84 -0.11 -5.24
N HIS B 180 -8.37 1.02 -4.74
CA HIS B 180 -9.73 1.45 -5.02
C HIS B 180 -9.54 2.23 -6.33
N ILE B 181 -9.73 1.72 -7.56
CA ILE B 181 -9.44 2.58 -8.72
C ILE B 181 -10.59 3.44 -9.15
N TRP B 182 -11.80 3.23 -8.66
CA TRP B 182 -12.88 4.11 -9.06
C TRP B 182 -13.94 4.00 -8.00
N GLU B 183 -14.81 4.96 -7.90
CA GLU B 183 -15.84 4.89 -6.94
C GLU B 183 -16.85 5.89 -7.42
N SER B 184 -18.08 5.50 -7.23
CA SER B 184 -19.24 6.28 -7.61
C SER B 184 -19.33 7.75 -7.26
N SER B 185 -18.84 8.24 -6.14
CA SER B 185 -18.97 9.66 -5.84
C SER B 185 -17.74 10.55 -6.00
N ALA B 186 -16.72 10.01 -6.66
CA ALA B 186 -15.51 10.76 -6.85
C ALA B 186 -15.68 11.76 -7.98
N VAL B 187 -15.16 12.98 -7.89
CA VAL B 187 -15.33 13.87 -9.02
C VAL B 187 -14.15 13.61 -9.96
N VAL B 188 -12.99 13.12 -9.51
CA VAL B 188 -11.84 12.82 -10.38
C VAL B 188 -11.14 11.58 -9.82
N ALA B 189 -10.81 10.62 -10.63
CA ALA B 189 -10.10 9.43 -10.17
C ALA B 189 -9.01 9.34 -11.22
N SER B 190 -7.78 9.16 -10.84
CA SER B 190 -6.70 9.08 -11.79
C SER B 190 -5.63 8.18 -11.25
N PHE B 191 -4.82 7.64 -12.14
CA PHE B 191 -3.71 6.82 -11.73
C PHE B 191 -2.64 7.02 -12.78
N GLU B 192 -1.42 6.73 -12.37
CA GLU B 192 -0.27 6.80 -13.22
C GLU B 192 0.70 5.74 -12.73
N ALA B 193 1.35 5.09 -13.64
CA ALA B 193 2.28 4.05 -13.28
C ALA B 193 3.52 4.28 -14.12
N THR B 194 4.70 3.91 -13.65
CA THR B 194 5.95 4.07 -14.37
C THR B 194 6.84 2.92 -13.97
N PHE B 195 7.57 2.31 -14.89
CA PHE B 195 8.50 1.25 -14.56
C PHE B 195 9.58 1.31 -15.62
N THR B 196 10.78 0.88 -15.20
CA THR B 196 11.91 0.87 -16.12
C THR B 196 12.20 -0.62 -16.28
N PHE B 197 12.61 -1.06 -17.45
CA PHE B 197 12.84 -2.46 -17.72
C PHE B 197 14.08 -2.71 -18.55
N LEU B 198 14.56 -3.95 -18.58
CA LEU B 198 15.73 -4.29 -19.37
C LEU B 198 15.37 -5.60 -20.01
N ILE B 199 15.17 -5.58 -21.31
CA ILE B 199 14.82 -6.78 -22.06
C ILE B 199 16.00 -7.16 -22.93
N LYS B 200 16.68 -8.30 -22.76
CA LYS B 200 17.78 -8.68 -23.66
C LYS B 200 17.65 -10.15 -23.92
N SER B 201 17.72 -10.41 -25.20
CA SER B 201 17.64 -11.75 -25.71
C SER B 201 19.00 -12.18 -26.22
N PRO B 202 19.43 -13.43 -26.07
CA PRO B 202 20.49 -14.01 -26.88
C PRO B 202 20.00 -14.43 -28.28
N ASP B 203 18.82 -15.07 -28.40
CA ASP B 203 18.36 -15.50 -29.71
C ASP B 203 17.88 -14.38 -30.61
N SER B 204 17.96 -14.69 -31.90
CA SER B 204 17.56 -13.80 -32.97
C SER B 204 16.20 -13.16 -32.78
N HIS B 205 15.27 -13.74 -32.00
CA HIS B 205 13.98 -13.10 -31.84
C HIS B 205 13.65 -13.25 -30.37
N PRO B 206 13.78 -12.15 -29.64
CA PRO B 206 13.26 -12.03 -28.31
C PRO B 206 11.75 -12.29 -28.31
N ALA B 207 11.31 -12.81 -27.18
CA ALA B 207 9.91 -13.07 -27.00
C ALA B 207 9.74 -13.23 -25.50
N ASP B 208 8.60 -13.02 -24.85
CA ASP B 208 7.37 -12.61 -25.48
C ASP B 208 6.87 -11.21 -25.21
N GLY B 209 7.28 -10.66 -24.06
CA GLY B 209 6.89 -9.31 -23.69
C GLY B 209 6.66 -9.14 -22.20
N ILE B 210 6.33 -7.88 -21.86
CA ILE B 210 6.05 -7.42 -20.50
C ILE B 210 4.72 -6.69 -20.53
N ALA B 211 3.88 -6.74 -19.50
CA ALA B 211 2.61 -6.05 -19.50
C ALA B 211 2.33 -5.42 -18.14
N PHE B 212 1.71 -4.25 -18.09
CA PHE B 212 1.35 -3.62 -16.84
C PHE B 212 -0.12 -4.03 -16.80
N PHE B 213 -0.68 -4.56 -15.71
CA PHE B 213 -2.08 -4.95 -15.75
C PHE B 213 -2.77 -4.56 -14.49
N ILE B 214 -4.09 -4.52 -14.60
CA ILE B 214 -4.96 -4.19 -13.50
C ILE B 214 -5.95 -5.35 -13.57
N SER B 215 -6.27 -5.98 -12.45
CA SER B 215 -7.18 -7.11 -12.42
C SER B 215 -8.00 -7.20 -11.14
N ASN B 216 -8.90 -8.18 -11.09
CA ASN B 216 -9.74 -8.47 -9.92
C ASN B 216 -8.65 -8.83 -8.90
N ILE B 217 -8.93 -8.60 -7.61
CA ILE B 217 -7.90 -8.83 -6.63
C ILE B 217 -7.38 -10.23 -6.44
N ASP B 218 -8.16 -11.21 -6.77
CA ASP B 218 -7.77 -12.60 -6.61
C ASP B 218 -7.19 -13.28 -7.85
N SER B 219 -6.87 -12.49 -8.86
CA SER B 219 -6.31 -12.98 -10.10
C SER B 219 -5.08 -13.88 -9.95
N SER B 220 -4.94 -14.93 -10.76
CA SER B 220 -3.78 -15.84 -10.73
C SER B 220 -3.47 -16.12 -12.20
N ILE B 221 -2.24 -16.61 -12.45
CA ILE B 221 -1.82 -16.91 -13.79
C ILE B 221 -2.71 -17.99 -14.36
N PRO B 222 -3.34 -17.76 -15.52
CA PRO B 222 -4.14 -18.79 -16.18
C PRO B 222 -3.28 -19.91 -16.71
N SER B 223 -3.98 -21.03 -16.78
CA SER B 223 -3.40 -22.24 -17.28
C SER B 223 -3.17 -22.00 -18.79
N GLY B 224 -1.97 -22.34 -19.25
CA GLY B 224 -1.57 -22.19 -20.63
C GLY B 224 -1.26 -20.76 -21.07
N SER B 225 -0.98 -19.87 -20.10
CA SER B 225 -0.70 -18.54 -20.53
C SER B 225 0.77 -18.22 -20.76
N THR B 226 1.71 -19.15 -20.97
CA THR B 226 3.11 -18.79 -21.23
C THR B 226 3.19 -18.29 -22.67
N GLY B 227 4.32 -17.94 -23.26
CA GLY B 227 4.34 -17.50 -24.64
C GLY B 227 3.53 -16.25 -24.90
N ARG B 228 2.86 -16.29 -26.04
CA ARG B 228 2.05 -15.21 -26.55
C ARG B 228 0.91 -14.73 -25.66
N LEU B 229 0.50 -15.45 -24.64
CA LEU B 229 -0.60 -14.95 -23.83
C LEU B 229 -0.21 -14.07 -22.63
N LEU B 230 1.07 -13.73 -22.50
CA LEU B 230 1.70 -12.88 -21.49
C LEU B 230 1.38 -13.13 -20.01
N GLY B 231 0.94 -14.34 -19.69
CA GLY B 231 0.57 -14.73 -18.33
C GLY B 231 -0.66 -13.99 -17.88
N LEU B 232 -1.46 -13.51 -18.82
CA LEU B 232 -2.65 -12.76 -18.56
C LEU B 232 -3.99 -13.35 -18.99
N PHE B 233 -3.97 -14.04 -20.12
CA PHE B 233 -5.16 -14.60 -20.68
C PHE B 233 -5.17 -16.09 -20.73
N PRO B 234 -6.33 -16.72 -20.56
CA PRO B 234 -6.56 -18.16 -20.72
C PRO B 234 -6.60 -18.67 -22.19
N ASP B 235 -7.02 -17.85 -23.16
CA ASP B 235 -7.09 -18.20 -24.55
C ASP B 235 -6.75 -16.95 -25.32
N ALA B 236 -6.72 -17.09 -26.63
CA ALA B 236 -6.38 -15.99 -27.49
C ALA B 236 -7.51 -15.40 -28.23
N ASN B 237 -8.66 -15.45 -27.61
CA ASN B 237 -9.82 -14.90 -28.26
C ASN B 237 -9.93 -13.49 -27.73
#